data_8TFD
#
_entry.id   8TFD
#
_cell.length_a   37.795
_cell.length_b   54.133
_cell.length_c   98.813
_cell.angle_alpha   90.000
_cell.angle_beta   90.000
_cell.angle_gamma   90.000
#
_symmetry.space_group_name_H-M   'P 21 21 21'
#
loop_
_entity.id
_entity.type
_entity.pdbx_description
1 polymer Nucleoprotein
2 polymer 'DNA aptamer'
3 non-polymer 1,2-ETHANEDIOL
4 water water
#
loop_
_entity_poly.entity_id
_entity_poly.type
_entity_poly.pdbx_seq_one_letter_code
_entity_poly.pdbx_strand_id
1 'polypeptide(L)'
;GPNNTASWFTALTQHGKEDLKFPRGQGVPINTNSSPDDQIGYYRRATRRIRGGDGKMKDLSPRWYFYYLGTGPEAGLPYG
ANKDGIIWVATEGALNTPKDHIGTRNPANNAAIVLQLPQGTTLPKGFYAE
;
A
2 'polydeoxyribonucleotide' (DT)(DC)(DG)(DG)(DA)(DC)(DA)(DT)(DC)(DG)(DG)(DA)(DT)(DT)(DG)(DT)(DC)(DT)(DG)(DA) B
#
loop_
_chem_comp.id
_chem_comp.type
_chem_comp.name
_chem_comp.formula
DA DNA linking 2'-DEOXYADENOSINE-5'-MONOPHOSPHATE 'C10 H14 N5 O6 P'
DC DNA linking 2'-DEOXYCYTIDINE-5'-MONOPHOSPHATE 'C9 H14 N3 O7 P'
DG DNA linking 2'-DEOXYGUANOSINE-5'-MONOPHOSPHATE 'C10 H14 N5 O7 P'
DT DNA linking THYMIDINE-5'-MONOPHOSPHATE 'C10 H15 N2 O8 P'
EDO non-polymer 1,2-ETHANEDIOL 'C2 H6 O2'
#
# COMPACT_ATOMS: atom_id res chain seq x y z
N ASN A 3 -2.25 -8.58 13.12
CA ASN A 3 -1.98 -8.82 14.54
C ASN A 3 -0.60 -8.26 14.90
N ASN A 4 0.44 -8.89 14.35
CA ASN A 4 1.82 -8.50 14.60
C ASN A 4 2.58 -8.30 13.30
N THR A 5 1.88 -8.24 12.17
CA THR A 5 2.51 -7.86 10.91
C THR A 5 1.53 -6.96 10.17
N ALA A 6 2.01 -5.82 9.72
CA ALA A 6 1.14 -4.85 9.11
C ALA A 6 1.95 -4.04 8.11
N SER A 7 1.26 -3.30 7.27
CA SER A 7 1.94 -2.25 6.50
C SER A 7 2.61 -1.23 7.40
N TRP A 8 3.79 -0.72 6.98
CA TRP A 8 4.38 0.40 7.70
C TRP A 8 3.54 1.67 7.66
N PHE A 9 2.56 1.77 6.74
CA PHE A 9 1.84 3.01 6.44
C PHE A 9 0.35 2.81 6.66
N THR A 10 -0.33 3.93 6.93
CA THR A 10 -1.78 3.92 6.82
C THR A 10 -2.17 3.64 5.37
N ALA A 11 -3.47 3.32 5.19
CA ALA A 11 -3.95 2.94 3.86
C ALA A 11 -4.40 4.17 3.04
N LEU A 12 -4.42 4.01 1.73
CA LEU A 12 -5.16 4.94 0.86
C LEU A 12 -6.57 4.38 0.70
N THR A 13 -7.58 5.16 1.06
CA THR A 13 -8.97 4.70 1.05
C THR A 13 -9.60 5.05 -0.28
N GLN A 14 -10.18 4.05 -0.91
CA GLN A 14 -10.84 4.22 -2.21
C GLN A 14 -12.30 4.62 -1.99
N HIS A 15 -12.63 5.89 -2.28
CA HIS A 15 -14.00 6.32 -2.03
C HIS A 15 -14.89 6.24 -3.26
N GLY A 16 -14.30 6.20 -4.46
CA GLY A 16 -15.04 6.10 -5.69
C GLY A 16 -14.94 4.74 -6.35
N LYS A 17 -15.40 4.73 -7.61
CA LYS A 17 -15.44 3.52 -8.44
C LYS A 17 -14.04 3.10 -8.87
N GLU A 18 -13.14 4.06 -9.06
CA GLU A 18 -11.83 3.77 -9.65
C GLU A 18 -10.91 3.04 -8.65
N ASP A 19 -10.29 1.95 -9.10
CA ASP A 19 -9.27 1.30 -8.28
C ASP A 19 -8.01 2.14 -8.21
N LEU A 20 -7.17 1.81 -7.24
CA LEU A 20 -5.89 2.50 -7.15
C LEU A 20 -5.03 2.09 -8.33
N LYS A 21 -4.27 3.05 -8.85
CA LYS A 21 -3.24 2.85 -9.87
C LYS A 21 -2.42 4.13 -9.89
N PHE A 22 -1.17 4.01 -10.35
CA PHE A 22 -0.22 5.09 -10.47
C PHE A 22 0.51 5.03 -11.81
N PRO A 23 0.80 6.20 -12.40
CA PRO A 23 1.77 6.27 -13.51
C PRO A 23 3.08 5.62 -13.13
N ARG A 24 3.76 5.04 -14.12
CA ARG A 24 5.06 4.39 -13.84
C ARG A 24 6.03 5.41 -13.27
N GLY A 25 6.69 5.04 -12.19
CA GLY A 25 7.56 5.93 -11.44
C GLY A 25 6.93 6.51 -10.20
N GLN A 26 5.60 6.47 -10.09
CA GLN A 26 4.91 7.09 -8.96
C GLN A 26 4.34 6.05 -8.00
N GLY A 27 4.03 6.49 -6.79
CA GLY A 27 3.24 5.66 -5.90
C GLY A 27 3.95 5.19 -4.68
N VAL A 28 5.27 5.17 -4.65
CA VAL A 28 5.92 4.66 -3.44
C VAL A 28 5.87 5.74 -2.36
N PRO A 29 5.50 5.41 -1.13
CA PRO A 29 5.46 6.44 -0.08
C PRO A 29 6.83 7.08 0.20
N ILE A 30 6.78 8.30 0.73
CA ILE A 30 7.94 8.92 1.35
C ILE A 30 8.33 8.10 2.57
N ASN A 31 9.63 7.90 2.77
CA ASN A 31 10.06 7.24 3.99
C ASN A 31 11.55 7.51 4.11
N THR A 32 11.94 8.32 5.10
CA THR A 32 13.37 8.69 5.28
C THR A 32 14.25 7.49 5.59
N ASN A 33 13.69 6.35 5.96
CA ASN A 33 14.50 5.16 6.20
C ASN A 33 14.64 4.32 4.94
N SER A 34 14.16 4.81 3.81
CA SER A 34 14.22 4.09 2.54
C SER A 34 15.22 4.84 1.68
N SER A 35 16.02 4.08 0.93
CA SER A 35 16.80 4.61 -0.17
C SER A 35 16.00 4.54 -1.46
N PRO A 36 16.45 5.22 -2.53
CA PRO A 36 15.81 5.02 -3.85
C PRO A 36 15.80 3.56 -4.30
N ASP A 37 16.89 2.83 -4.07
CA ASP A 37 16.90 1.40 -4.42
C ASP A 37 15.81 0.62 -3.73
N ASP A 38 15.40 1.03 -2.52
CA ASP A 38 14.34 0.38 -1.75
C ASP A 38 12.94 0.67 -2.28
N GLN A 39 12.75 1.69 -3.11
CA GLN A 39 11.42 2.25 -3.30
C GLN A 39 10.65 1.50 -4.39
N ILE A 40 10.15 0.33 -4.01
CA ILE A 40 9.45 -0.54 -4.93
C ILE A 40 8.58 -1.47 -4.09
N GLY A 41 7.39 -1.75 -4.60
CA GLY A 41 6.52 -2.63 -3.85
C GLY A 41 5.13 -2.59 -4.43
N TYR A 42 4.16 -2.96 -3.63
CA TYR A 42 2.81 -3.08 -4.12
C TYR A 42 1.84 -2.47 -3.14
N TYR A 43 0.64 -2.15 -3.62
CA TYR A 43 -0.52 -1.95 -2.74
C TYR A 43 -1.43 -3.15 -2.87
N ARG A 44 -2.00 -3.54 -1.75
CA ARG A 44 -2.97 -4.62 -1.69
C ARG A 44 -4.28 -4.08 -1.15
N ARG A 45 -5.37 -4.37 -1.86
CA ARG A 45 -6.73 -3.96 -1.48
C ARG A 45 -7.27 -4.84 -0.39
N ALA A 46 -7.95 -4.21 0.57
CA ALA A 46 -8.65 -4.91 1.64
C ALA A 46 -10.01 -4.27 1.80
N THR A 47 -11.06 -5.03 1.56
CA THR A 47 -12.43 -4.50 1.65
C THR A 47 -13.11 -5.25 2.79
N ARG A 48 -13.54 -4.49 3.82
CA ARG A 48 -14.06 -5.09 5.04
C ARG A 48 -15.58 -5.06 5.06
N ARG A 49 -16.18 -6.17 5.56
CA ARG A 49 -17.62 -6.25 5.76
C ARG A 49 -17.89 -6.28 7.26
N ILE A 50 -18.67 -5.29 7.72
CA ILE A 50 -18.75 -5.03 9.17
C ILE A 50 -20.18 -4.77 9.57
N ARG A 51 -20.45 -4.92 10.87
CA ARG A 51 -21.79 -4.67 11.41
C ARG A 51 -21.86 -3.25 11.93
N GLY A 52 -22.78 -2.48 11.40
CA GLY A 52 -22.99 -1.13 11.87
C GLY A 52 -23.78 -1.04 13.18
N GLY A 53 -23.88 0.19 13.70
CA GLY A 53 -24.57 0.40 14.94
C GLY A 53 -26.05 0.10 14.85
N ASP A 54 -26.63 0.24 13.66
CA ASP A 54 -28.03 -0.14 13.50
C ASP A 54 -28.22 -1.66 13.43
N GLY A 55 -27.13 -2.40 13.58
CA GLY A 55 -27.17 -3.84 13.52
C GLY A 55 -27.15 -4.38 12.10
N LYS A 56 -26.99 -3.53 11.08
CA LYS A 56 -27.00 -4.00 9.70
C LYS A 56 -25.60 -4.07 9.14
N MET A 57 -25.38 -5.02 8.23
CA MET A 57 -24.04 -5.17 7.69
C MET A 57 -23.81 -4.15 6.58
N LYS A 58 -22.55 -3.81 6.35
CA LYS A 58 -22.18 -2.91 5.27
C LYS A 58 -20.74 -3.20 4.87
N ASP A 59 -20.44 -2.96 3.60
CA ASP A 59 -19.10 -3.13 3.10
C ASP A 59 -18.46 -1.75 3.10
N LEU A 60 -17.35 -1.64 3.82
CA LEU A 60 -16.66 -0.37 3.90
C LEU A 60 -15.92 -0.07 2.59
N SER A 61 -15.54 1.21 2.42
CA SER A 61 -14.71 1.57 1.27
C SER A 61 -13.43 0.74 1.28
N PRO A 62 -12.97 0.28 0.12
CA PRO A 62 -11.70 -0.45 0.13
C PRO A 62 -10.54 0.37 0.68
N ARG A 63 -9.65 -0.31 1.40
CA ARG A 63 -8.38 0.26 1.86
C ARG A 63 -7.26 -0.37 1.03
N TRP A 64 -6.34 0.45 0.52
CA TRP A 64 -5.16 -0.08 -0.19
C TRP A 64 -3.91 0.20 0.67
N TYR A 65 -3.23 -0.88 1.08
CA TYR A 65 -2.07 -0.76 1.95
C TYR A 65 -0.82 -1.07 1.14
N PHE A 66 0.23 -0.30 1.42
CA PHE A 66 1.50 -0.45 0.72
C PHE A 66 2.47 -1.40 1.44
N TYR A 67 3.09 -2.30 0.69
CA TYR A 67 4.13 -3.14 1.23
C TYR A 67 5.35 -3.06 0.33
N TYR A 68 6.52 -2.96 0.92
CA TYR A 68 7.71 -3.07 0.10
C TYR A 68 7.82 -4.46 -0.55
N LEU A 69 8.45 -4.46 -1.73
CA LEU A 69 8.66 -5.66 -2.52
C LEU A 69 9.23 -6.77 -1.65
N GLY A 70 8.64 -7.96 -1.76
CA GLY A 70 9.15 -9.13 -1.02
C GLY A 70 8.82 -9.11 0.46
N THR A 71 7.91 -8.23 0.91
CA THR A 71 7.41 -8.23 2.27
C THR A 71 5.90 -8.38 2.25
N GLY A 72 5.33 -8.65 3.42
CA GLY A 72 3.89 -8.58 3.57
C GLY A 72 3.13 -9.79 3.03
N PRO A 73 1.82 -9.64 2.87
CA PRO A 73 1.01 -10.80 2.46
C PRO A 73 1.32 -11.36 1.08
N GLU A 74 1.92 -10.59 0.19
CA GLU A 74 2.30 -11.07 -1.12
C GLU A 74 3.80 -11.01 -1.27
N ALA A 75 4.49 -11.28 -0.16
CA ALA A 75 5.95 -11.28 -0.16
C ALA A 75 6.55 -12.18 -1.24
N GLY A 76 5.89 -13.29 -1.56
CA GLY A 76 6.41 -14.22 -2.54
C GLY A 76 6.13 -13.86 -3.96
N LEU A 77 5.38 -12.77 -4.22
CA LEU A 77 5.01 -12.43 -5.60
C LEU A 77 6.12 -11.62 -6.24
N PRO A 78 6.56 -11.96 -7.46
CA PRO A 78 7.52 -11.11 -8.15
C PRO A 78 6.88 -9.82 -8.65
N TYR A 79 7.68 -8.77 -8.70
CA TYR A 79 7.20 -7.49 -9.21
C TYR A 79 6.59 -7.68 -10.59
N GLY A 80 5.40 -7.07 -10.79
CA GLY A 80 4.69 -7.13 -12.04
C GLY A 80 3.73 -8.29 -12.20
N ALA A 81 3.75 -9.26 -11.27
CA ALA A 81 2.81 -10.39 -11.35
C ALA A 81 1.38 -9.89 -11.35
N ASN A 82 0.54 -10.47 -12.20
CA ASN A 82 -0.86 -10.07 -12.25
C ASN A 82 -1.68 -10.77 -11.16
N LYS A 83 -2.30 -10.00 -10.28
CA LYS A 83 -3.15 -10.54 -9.24
C LYS A 83 -4.19 -9.49 -8.88
N ASP A 84 -5.46 -9.91 -8.89
CA ASP A 84 -6.54 -8.98 -8.56
C ASP A 84 -6.29 -8.42 -7.17
N GLY A 85 -6.45 -7.11 -7.05
CA GLY A 85 -6.27 -6.43 -5.77
C GLY A 85 -4.85 -6.09 -5.45
N ILE A 86 -3.90 -6.37 -6.35
CA ILE A 86 -2.50 -5.99 -6.20
C ILE A 86 -2.14 -5.03 -7.33
N ILE A 87 -1.58 -3.87 -6.98
CA ILE A 87 -0.98 -3.02 -8.00
C ILE A 87 0.45 -2.74 -7.64
N TRP A 88 1.30 -2.61 -8.64
CA TRP A 88 2.74 -2.51 -8.43
C TRP A 88 3.18 -1.08 -8.63
N VAL A 89 4.15 -0.65 -7.81
CA VAL A 89 4.70 0.70 -7.92
C VAL A 89 6.20 0.65 -7.72
N ALA A 90 6.89 1.55 -8.42
CA ALA A 90 8.35 1.60 -8.23
C ALA A 90 8.86 2.97 -8.59
N THR A 91 9.70 3.54 -7.71
CA THR A 91 10.48 4.70 -8.11
C THR A 91 11.41 4.29 -9.22
N GLU A 92 11.57 5.15 -10.24
CA GLU A 92 12.42 4.80 -11.39
C GLU A 92 13.80 4.36 -10.93
N GLY A 93 14.21 3.18 -11.38
CA GLY A 93 15.53 2.72 -11.02
C GLY A 93 15.61 1.90 -9.72
N ALA A 94 14.49 1.70 -9.03
CA ALA A 94 14.50 0.89 -7.79
C ALA A 94 14.98 -0.53 -8.11
N LEU A 95 15.55 -1.20 -7.12
CA LEU A 95 16.20 -2.49 -7.30
C LEU A 95 15.18 -3.61 -7.07
N ASN A 96 15.19 -4.60 -7.97
CA ASN A 96 14.19 -5.66 -7.93
C ASN A 96 14.68 -6.79 -7.02
N THR A 97 14.73 -6.49 -5.73
CA THR A 97 15.16 -7.41 -4.68
C THR A 97 14.22 -7.24 -3.49
N PRO A 98 14.05 -8.30 -2.69
CA PRO A 98 13.14 -8.17 -1.52
C PRO A 98 13.72 -7.22 -0.47
N LYS A 99 12.85 -6.39 0.10
CA LYS A 99 13.29 -5.42 1.09
C LYS A 99 13.17 -5.98 2.50
N ASP A 100 13.89 -7.06 2.70
CA ASP A 100 13.94 -7.73 4.01
C ASP A 100 14.30 -6.79 5.13
N HIS A 101 15.25 -5.87 4.91
CA HIS A 101 15.74 -5.04 6.00
C HIS A 101 14.70 -4.03 6.47
N ILE A 102 13.71 -3.69 5.65
CA ILE A 102 12.59 -2.86 6.05
C ILE A 102 11.50 -3.72 6.64
N GLY A 103 11.14 -4.80 5.94
CA GLY A 103 10.16 -5.76 6.45
C GLY A 103 8.79 -5.10 6.64
N THR A 104 8.03 -5.66 7.58
CA THR A 104 6.72 -5.17 7.95
C THR A 104 6.76 -4.62 9.37
N ARG A 105 5.64 -4.02 9.75
CA ARG A 105 5.51 -3.32 11.01
C ARG A 105 4.80 -4.20 12.02
N ASN A 106 5.28 -4.18 13.29
CA ASN A 106 4.57 -4.85 14.35
C ASN A 106 3.81 -3.80 15.11
N PRO A 107 2.48 -3.75 15.03
CA PRO A 107 1.74 -2.67 15.71
C PRO A 107 1.97 -2.61 17.21
N ALA A 108 2.45 -3.70 17.83
CA ALA A 108 2.75 -3.66 19.26
C ALA A 108 3.95 -2.77 19.54
N ASN A 109 4.80 -2.56 18.55
CA ASN A 109 6.06 -1.85 18.74
C ASN A 109 6.09 -0.51 18.04
N ASN A 110 5.35 -0.34 16.95
CA ASN A 110 5.45 0.85 16.12
C ASN A 110 4.09 1.23 15.56
N ALA A 111 3.76 2.52 15.65
CA ALA A 111 2.58 3.03 14.99
C ALA A 111 2.84 3.16 13.49
N ALA A 112 1.76 3.10 12.71
CA ALA A 112 1.88 3.32 11.27
C ALA A 112 2.28 4.75 10.97
N ILE A 113 3.07 4.90 9.92
CA ILE A 113 3.39 6.21 9.34
C ILE A 113 2.20 6.66 8.52
N VAL A 114 1.73 7.91 8.70
CA VAL A 114 0.62 8.32 7.84
C VAL A 114 1.16 8.46 6.42
N LEU A 115 0.56 7.76 5.49
CA LEU A 115 1.13 7.62 4.15
C LEU A 115 1.24 9.00 3.50
N GLN A 116 2.44 9.34 3.06
CA GLN A 116 2.69 10.58 2.33
C GLN A 116 3.23 10.24 0.97
N LEU A 117 2.64 10.78 -0.05
CA LEU A 117 3.16 10.61 -1.40
C LEU A 117 3.94 11.85 -1.80
N PRO A 118 4.90 11.73 -2.73
CA PRO A 118 5.60 12.90 -3.22
C PRO A 118 4.66 13.97 -3.77
N GLN A 119 5.02 15.22 -3.48
CA GLN A 119 4.29 16.35 -4.00
C GLN A 119 4.04 16.18 -5.50
N GLY A 120 2.79 16.37 -5.92
CA GLY A 120 2.48 16.33 -7.35
C GLY A 120 2.14 14.94 -7.86
N THR A 121 2.11 13.92 -7.00
CA THR A 121 1.71 12.57 -7.44
C THR A 121 0.28 12.57 -7.92
N THR A 122 0.05 11.92 -9.05
CA THR A 122 -1.32 11.73 -9.56
C THR A 122 -2.03 10.62 -8.80
N LEU A 123 -3.26 10.88 -8.34
CA LEU A 123 -4.15 9.89 -7.75
C LEU A 123 -5.43 9.80 -8.58
N PRO A 124 -6.05 8.61 -8.70
CA PRO A 124 -7.33 8.52 -9.37
C PRO A 124 -8.37 9.29 -8.60
N LYS A 125 -9.42 9.69 -9.30
CA LYS A 125 -10.53 10.33 -8.63
C LYS A 125 -11.08 9.41 -7.54
N GLY A 126 -11.50 10.00 -6.42
CA GLY A 126 -12.05 9.20 -5.33
C GLY A 126 -11.02 8.84 -4.27
N PHE A 127 -9.76 9.14 -4.52
CA PHE A 127 -8.70 9.09 -3.51
C PHE A 127 -8.38 10.53 -3.16
N TYR A 128 -8.30 10.81 -1.88
CA TYR A 128 -8.23 12.21 -1.43
C TYR A 128 -6.78 12.59 -1.20
N ALA A 129 -6.42 13.78 -1.67
CA ALA A 129 -5.03 14.19 -1.62
C ALA A 129 -4.85 15.40 -0.67
C1 EDO C . 5.37 12.94 -8.44
O1 EDO C . 6.74 12.83 -8.00
C2 EDO C . 5.26 13.86 -9.63
O2 EDO C . 6.39 13.63 -10.48
C1 EDO D . -0.53 12.05 0.01
O1 EDO D . 0.52 12.83 0.63
C2 EDO D . -1.19 10.98 0.88
O2 EDO D . -2.59 10.81 0.48
C1 EDO E . -5.77 -12.35 -11.03
O1 EDO E . -5.97 -12.73 -9.66
C2 EDO E . -7.03 -11.89 -11.75
O2 EDO E . -6.81 -10.66 -12.47
C1 EDO F . 10.24 1.80 8.08
O1 EDO F . 11.34 2.01 7.19
C2 EDO F . 10.31 2.76 9.28
O2 EDO F . 10.41 4.13 8.83
C1 EDO G . -10.61 -7.33 9.52
O1 EDO G . -9.77 -6.49 8.72
C2 EDO G . -11.30 -6.38 10.48
O2 EDO G . -12.55 -5.89 9.93
C1 EDO H . -18.87 -3.84 17.59
O1 EDO H . -18.82 -2.42 17.92
C2 EDO H . -19.60 -4.21 16.28
O2 EDO H . -21.01 -4.44 16.44
#